data_3BQM
#
_entry.id   3BQM
#
_cell.length_a   73.535
_cell.length_b   70.505
_cell.length_c   72.558
_cell.angle_alpha   90.00
_cell.angle_beta   90.00
_cell.angle_gamma   90.00
#
_symmetry.space_group_name_H-M   'P 21 21 2'
#
loop_
_entity.id
_entity.type
_entity.pdbx_description
1 polymer 'Integrin alpha-L'
2 non-polymer 3-({4-[(1E)-3-morpholin-4-yl-3-oxoprop-1-en-1-yl]-2,3-bis(trifluoromethyl)phenyl}sulfanyl)aniline
3 water water
#
_entity_poly.entity_id   1
_entity_poly.type   'polypeptide(L)'
_entity_poly.pdbx_seq_one_letter_code
;GNVDLVFLFDGSMSLQPDEFQKILDFMKDVMKKLSNTSYQFAAVQFSTSYKTEFDFSDYVKWKDPDALLKHVKHMLLLTN
TFGAINYVATEVFREELGARPDATKVLIIITDGEATDSGNIDAAKDIIRYIIGIGKHFQTKESQETLHKFASKPASEFVK
ILDTFEKLKDLFTELQKKIYVI
;
_entity_poly.pdbx_strand_id   B,C
#
# COMPACT_ATOMS: atom_id res chain seq x y z
N GLY A 1 -6.51 -3.49 -12.93
CA GLY A 1 -5.43 -3.74 -11.91
C GLY A 1 -4.34 -2.68 -11.91
N ASN A 2 -3.95 -2.23 -13.10
CA ASN A 2 -3.00 -1.15 -13.23
C ASN A 2 -3.71 0.18 -13.03
N VAL A 3 -3.07 1.10 -12.32
CA VAL A 3 -3.65 2.42 -12.09
C VAL A 3 -2.69 3.44 -12.66
N ASP A 4 -3.18 4.23 -13.63
CA ASP A 4 -2.44 5.38 -14.10
C ASP A 4 -3.03 6.59 -13.41
N LEU A 5 -2.19 7.33 -12.69
CA LEU A 5 -2.67 8.41 -11.84
C LEU A 5 -1.98 9.74 -12.15
N VAL A 6 -2.78 10.75 -12.43
CA VAL A 6 -2.28 12.09 -12.73
C VAL A 6 -2.52 13.02 -11.54
N PHE A 7 -1.46 13.69 -11.11
CA PHE A 7 -1.63 14.80 -10.20
C PHE A 7 -1.79 16.06 -11.02
N LEU A 8 -2.93 16.70 -10.88
CA LEU A 8 -3.17 17.96 -11.57
C LEU A 8 -3.20 19.05 -10.53
N PHE A 9 -2.13 19.85 -10.46
CA PHE A 9 -1.91 20.77 -9.36
C PHE A 9 -1.85 22.27 -9.73
N ASP A 10 -2.55 23.06 -8.91
CA ASP A 10 -2.70 24.51 -9.02
C ASP A 10 -1.36 25.24 -8.86
N GLY A 11 -1.05 26.12 -9.82
CA GLY A 11 0.13 26.97 -9.75
C GLY A 11 -0.25 28.44 -9.86
N SER A 12 -1.47 28.77 -9.48
CA SER A 12 -1.96 30.15 -9.55
C SER A 12 -1.19 31.15 -8.68
N MET A 13 -1.35 32.43 -9.00
CA MET A 13 -0.77 33.56 -8.28
C MET A 13 -1.11 33.60 -6.78
N SER A 14 -2.25 33.04 -6.41
CA SER A 14 -2.66 33.07 -4.99
C SER A 14 -1.77 32.27 -4.06
N LEU A 15 -1.07 31.27 -4.59
CA LEU A 15 -0.23 30.39 -3.75
C LEU A 15 1.05 31.10 -3.35
N GLN A 16 1.33 31.13 -2.05
CA GLN A 16 2.62 31.54 -1.50
C GLN A 16 3.69 30.49 -1.81
N PRO A 17 4.98 30.89 -1.95
CA PRO A 17 5.99 29.87 -2.27
C PRO A 17 5.93 28.62 -1.40
N ASP A 18 5.73 28.77 -0.09
CA ASP A 18 5.73 27.63 0.82
C ASP A 18 4.48 26.75 0.65
N GLU A 19 3.38 27.36 0.21
CA GLU A 19 2.14 26.63 -0.06
C GLU A 19 2.30 25.77 -1.31
N PHE A 20 2.83 26.34 -2.37
CA PHE A 20 3.17 25.60 -3.59
C PHE A 20 4.10 24.42 -3.27
N GLN A 21 5.15 24.70 -2.51
CA GLN A 21 6.09 23.66 -2.06
C GLN A 21 5.43 22.51 -1.29
N LYS A 22 4.48 22.85 -0.41
CA LYS A 22 3.73 21.83 0.36
C LYS A 22 2.91 20.90 -0.57
N ILE A 23 2.41 21.46 -1.67
CA ILE A 23 1.75 20.65 -2.70
C ILE A 23 2.76 19.66 -3.32
N LEU A 24 3.88 20.19 -3.81
CA LEU A 24 4.97 19.39 -4.34
C LEU A 24 5.37 18.28 -3.37
N ASP A 25 5.52 18.61 -2.10
CA ASP A 25 5.98 17.61 -1.14
C ASP A 25 4.91 16.57 -0.88
N PHE A 26 3.65 16.99 -0.86
CA PHE A 26 2.52 16.03 -0.76
C PHE A 26 2.55 15.00 -1.90
N MET A 27 2.78 15.46 -3.12
CA MET A 27 2.79 14.55 -4.26
C MET A 27 3.91 13.52 -4.13
N LYS A 28 5.07 13.96 -3.66
CA LYS A 28 6.22 13.11 -3.51
C LYS A 28 6.02 12.09 -2.41
N ASP A 29 5.47 12.52 -1.27
CA ASP A 29 5.11 11.61 -0.18
C ASP A 29 4.23 10.46 -0.67
N VAL A 30 3.18 10.79 -1.43
CA VAL A 30 2.29 9.77 -2.01
C VAL A 30 3.03 8.80 -2.95
N MET A 31 3.84 9.33 -3.86
CA MET A 31 4.51 8.49 -4.86
C MET A 31 5.56 7.58 -4.22
N LYS A 32 6.27 8.10 -3.23
CA LYS A 32 7.25 7.30 -2.50
C LYS A 32 6.59 6.10 -1.80
N LYS A 33 5.42 6.34 -1.21
CA LYS A 33 4.70 5.30 -0.46
C LYS A 33 4.22 4.21 -1.40
N LEU A 34 3.83 4.61 -2.61
CA LEU A 34 3.31 3.69 -3.63
C LEU A 34 4.36 3.28 -4.67
N SER A 35 5.64 3.32 -4.27
CA SER A 35 6.72 2.85 -5.13
C SER A 35 6.57 1.36 -5.36
N ASN A 36 6.99 0.90 -6.53
CA ASN A 36 7.03 -0.54 -6.85
C ASN A 36 5.67 -1.25 -6.79
N THR A 37 4.62 -0.49 -7.09
CA THR A 37 3.28 -1.05 -7.11
C THR A 37 2.70 -1.04 -8.52
N SER A 38 1.40 -1.23 -8.66
CA SER A 38 0.76 -1.16 -9.99
C SER A 38 0.40 0.26 -10.41
N TYR A 39 0.72 1.22 -9.56
CA TYR A 39 0.59 2.65 -9.85
C TYR A 39 1.75 3.16 -10.70
N GLN A 40 1.40 3.97 -11.70
CA GLN A 40 2.37 4.78 -12.42
C GLN A 40 1.82 6.20 -12.51
N PHE A 41 2.71 7.18 -12.44
CA PHE A 41 2.31 8.57 -12.16
C PHE A 41 2.74 9.55 -13.24
N ALA A 42 2.01 10.66 -13.31
CA ALA A 42 2.39 11.83 -14.11
C ALA A 42 1.88 13.04 -13.35
N ALA A 43 2.49 14.20 -13.60
CA ALA A 43 2.14 15.40 -12.86
C ALA A 43 2.07 16.59 -13.80
N VAL A 44 0.96 17.34 -13.67
CA VAL A 44 0.64 18.43 -14.56
C VAL A 44 0.38 19.67 -13.71
N GLN A 45 1.16 20.73 -13.94
CA GLN A 45 0.89 22.00 -13.29
C GLN A 45 -0.13 22.75 -14.14
N PHE A 46 -1.15 23.32 -13.50
CA PHE A 46 -2.04 24.21 -14.25
C PHE A 46 -2.16 25.56 -13.61
N SER A 47 -2.29 26.57 -14.46
CA SER A 47 -2.61 27.91 -14.00
C SER A 47 -3.45 28.56 -15.09
N THR A 48 -2.88 29.48 -15.86
CA THR A 48 -3.53 29.95 -17.08
C THR A 48 -3.33 28.89 -18.17
N SER A 49 -2.11 28.40 -18.26
CA SER A 49 -1.68 27.35 -19.17
C SER A 49 -1.38 26.06 -18.40
N TYR A 50 -1.05 25.01 -19.14
CA TYR A 50 -0.89 23.65 -18.61
C TYR A 50 0.50 23.11 -18.98
N LYS A 51 1.16 22.45 -18.03
CA LYS A 51 2.47 21.89 -18.25
C LYS A 51 2.57 20.49 -17.65
N THR A 52 2.81 19.49 -18.49
CA THR A 52 3.16 18.16 -18.01
C THR A 52 4.60 18.22 -17.52
N GLU A 53 4.76 18.21 -16.20
CA GLU A 53 6.07 18.33 -15.55
C GLU A 53 6.86 17.02 -15.67
N PHE A 54 6.18 15.89 -15.49
CA PHE A 54 6.74 14.59 -15.89
C PHE A 54 5.61 13.67 -16.31
N ASP A 55 5.93 12.69 -17.15
CA ASP A 55 4.92 11.74 -17.58
C ASP A 55 5.13 10.34 -17.02
N PHE A 56 4.25 9.41 -17.37
CA PHE A 56 4.32 8.03 -16.90
C PHE A 56 5.65 7.38 -17.30
N SER A 57 6.12 7.66 -18.52
CA SER A 57 7.38 7.09 -18.97
C SER A 57 8.57 7.57 -18.15
N ASP A 58 8.55 8.86 -17.81
CA ASP A 58 9.51 9.45 -16.92
C ASP A 58 9.50 8.79 -15.56
N TYR A 59 8.29 8.59 -15.01
CA TYR A 59 8.13 7.87 -13.74
C TYR A 59 8.68 6.43 -13.81
N VAL A 60 8.32 5.69 -14.86
CA VAL A 60 8.77 4.30 -15.03
C VAL A 60 10.28 4.20 -15.13
N LYS A 61 10.89 5.09 -15.90
CA LYS A 61 12.31 5.02 -16.15
C LYS A 61 13.13 5.39 -14.89
N TRP A 62 12.73 6.47 -14.21
CA TRP A 62 13.51 6.99 -13.07
C TRP A 62 13.02 6.62 -11.66
N LYS A 63 11.71 6.55 -11.47
CA LYS A 63 11.10 6.13 -10.17
C LYS A 63 11.61 6.94 -8.98
N ASP A 64 11.71 8.25 -9.20
CA ASP A 64 12.38 9.15 -8.27
C ASP A 64 11.61 10.46 -8.25
N PRO A 65 10.57 10.53 -7.39
CA PRO A 65 9.72 11.73 -7.30
C PRO A 65 10.50 13.03 -7.11
N ASP A 66 11.52 13.01 -6.24
CA ASP A 66 12.34 14.19 -5.96
C ASP A 66 12.98 14.74 -7.24
N ALA A 67 13.55 13.85 -8.06
CA ALA A 67 14.18 14.24 -9.33
C ALA A 67 13.17 14.73 -10.35
N LEU A 68 12.04 14.03 -10.41
CA LEU A 68 11.01 14.28 -11.41
C LEU A 68 10.37 15.65 -11.25
N LEU A 69 10.36 16.18 -10.04
CA LEU A 69 9.70 17.45 -9.72
C LEU A 69 10.68 18.60 -9.41
N LYS A 70 11.97 18.31 -9.52
CA LYS A 70 13.01 19.25 -9.15
C LYS A 70 12.97 20.55 -9.96
N HIS A 71 12.48 20.47 -11.18
CA HIS A 71 12.53 21.57 -12.13
C HIS A 71 11.21 22.31 -12.33
N VAL A 72 10.27 22.15 -11.40
CA VAL A 72 8.98 22.81 -11.48
C VAL A 72 9.16 24.31 -11.22
N LYS A 73 8.61 25.13 -12.11
CA LYS A 73 8.55 26.58 -11.93
C LYS A 73 7.10 27.02 -11.74
N HIS A 74 6.83 27.65 -10.59
CA HIS A 74 5.50 28.14 -10.21
C HIS A 74 5.02 29.18 -11.22
N MET A 75 3.90 28.88 -11.88
CA MET A 75 3.39 29.69 -12.99
C MET A 75 2.93 31.08 -12.55
N LEU A 76 2.23 31.13 -11.41
CA LEU A 76 1.77 32.37 -10.78
C LEU A 76 0.72 33.14 -11.58
N LEU A 77 -0.19 32.41 -12.25
CA LEU A 77 -1.23 33.04 -13.05
C LEU A 77 -2.63 32.66 -12.58
N LEU A 78 -3.54 32.36 -13.51
CA LEU A 78 -4.94 32.10 -13.16
C LEU A 78 -5.20 30.65 -12.74
N THR A 79 -6.46 30.21 -12.82
CA THR A 79 -6.87 28.90 -12.35
C THR A 79 -7.84 28.29 -13.36
N ASN A 80 -7.32 27.89 -14.50
CA ASN A 80 -8.14 27.40 -15.59
C ASN A 80 -8.41 25.91 -15.44
N THR A 81 -9.27 25.59 -14.50
CA THR A 81 -9.49 24.19 -14.11
C THR A 81 -10.18 23.34 -15.19
N PHE A 82 -11.17 23.91 -15.89
CA PHE A 82 -11.88 23.19 -16.97
C PHE A 82 -10.90 22.79 -18.08
N GLY A 83 -10.14 23.77 -18.57
CA GLY A 83 -9.11 23.54 -19.59
C GLY A 83 -8.04 22.54 -19.15
N ALA A 84 -7.61 22.66 -17.90
CA ALA A 84 -6.59 21.77 -17.31
C ALA A 84 -7.02 20.32 -17.29
N ILE A 85 -8.23 20.07 -16.82
CA ILE A 85 -8.80 18.73 -16.78
C ILE A 85 -8.98 18.17 -18.20
N ASN A 86 -9.42 19.02 -19.11
CA ASN A 86 -9.52 18.64 -20.51
C ASN A 86 -8.17 18.34 -21.15
N TYR A 87 -7.16 19.09 -20.74
CA TYR A 87 -5.78 18.88 -21.18
C TYR A 87 -5.25 17.52 -20.73
N VAL A 88 -5.60 17.13 -19.51
CA VAL A 88 -5.16 15.85 -18.96
C VAL A 88 -5.79 14.69 -19.74
N ALA A 89 -7.10 14.83 -19.97
CA ALA A 89 -7.89 13.78 -20.62
C ALA A 89 -7.38 13.50 -22.02
N THR A 90 -7.08 14.56 -22.77
CA THR A 90 -6.74 14.44 -24.19
C THR A 90 -5.24 14.39 -24.45
N GLU A 91 -4.46 15.13 -23.65
CA GLU A 91 -3.03 15.23 -23.91
C GLU A 91 -2.12 14.46 -22.95
N VAL A 92 -2.66 13.90 -21.86
CA VAL A 92 -1.81 13.21 -20.89
C VAL A 92 -2.04 11.69 -20.88
N PHE A 93 -3.31 11.30 -20.96
CA PHE A 93 -3.66 9.87 -20.98
C PHE A 93 -3.52 9.32 -22.41
N ARG A 94 -2.26 9.13 -22.82
CA ARG A 94 -1.87 8.68 -24.16
C ARG A 94 -0.64 7.76 -24.07
N GLU A 95 -0.56 6.76 -24.95
CA GLU A 95 0.62 5.87 -25.13
C GLU A 95 1.91 6.66 -25.20
N GLU A 96 1.87 7.76 -25.95
CA GLU A 96 3.06 8.55 -26.23
C GLU A 96 3.73 9.03 -24.95
N LEU A 97 2.93 9.26 -23.91
CA LEU A 97 3.48 9.67 -22.60
C LEU A 97 3.60 8.52 -21.60
N GLY A 98 3.41 7.29 -22.06
CA GLY A 98 3.60 6.12 -21.20
C GLY A 98 2.35 5.57 -20.54
N ALA A 99 1.19 6.14 -20.87
CA ALA A 99 -0.09 5.63 -20.36
C ALA A 99 -0.38 4.20 -20.85
N ARG A 100 -0.92 3.37 -19.95
CA ARG A 100 -1.32 2.02 -20.31
C ARG A 100 -2.81 2.04 -20.66
N PRO A 101 -3.17 1.67 -21.91
CA PRO A 101 -4.53 1.84 -22.47
C PRO A 101 -5.70 1.25 -21.67
N ASP A 102 -5.43 0.15 -20.98
CA ASP A 102 -6.42 -0.61 -20.22
C ASP A 102 -6.37 -0.36 -18.71
N ALA A 103 -5.44 0.49 -18.28
CA ALA A 103 -5.31 0.82 -16.86
C ALA A 103 -6.53 1.58 -16.37
N THR A 104 -6.76 1.52 -15.06
CA THR A 104 -7.73 2.37 -14.42
C THR A 104 -7.15 3.79 -14.32
N LYS A 105 -7.88 4.79 -14.81
CA LYS A 105 -7.38 6.17 -14.83
C LYS A 105 -7.86 6.95 -13.61
N VAL A 106 -6.93 7.61 -12.92
CA VAL A 106 -7.26 8.38 -11.71
C VAL A 106 -6.64 9.77 -11.81
N LEU A 107 -7.44 10.78 -11.47
CA LEU A 107 -6.98 12.16 -11.43
C LEU A 107 -7.09 12.69 -9.99
N ILE A 108 -6.02 13.32 -9.52
CA ILE A 108 -6.02 13.96 -8.19
C ILE A 108 -5.79 15.45 -8.46
N ILE A 109 -6.87 16.22 -8.37
CA ILE A 109 -6.80 17.67 -8.60
C ILE A 109 -6.56 18.37 -7.27
N ILE A 110 -5.55 19.21 -7.22
CA ILE A 110 -5.25 19.98 -6.02
C ILE A 110 -5.32 21.48 -6.32
N THR A 111 -6.19 22.19 -5.60
CA THR A 111 -6.49 23.59 -5.93
C THR A 111 -6.68 24.49 -4.70
N ASP A 112 -6.37 25.78 -4.85
CA ASP A 112 -6.60 26.73 -3.77
C ASP A 112 -7.59 27.83 -4.17
N GLY A 113 -8.34 27.60 -5.24
CA GLY A 113 -9.33 28.59 -5.69
C GLY A 113 -10.32 28.07 -6.71
N GLU A 114 -11.40 28.84 -6.90
CA GLU A 114 -12.40 28.50 -7.91
C GLU A 114 -11.85 28.70 -9.31
N ALA A 115 -12.40 27.95 -10.27
CA ALA A 115 -12.00 28.03 -11.68
C ALA A 115 -12.18 29.45 -12.26
N THR A 116 -11.22 29.84 -13.10
CA THR A 116 -11.29 31.11 -13.83
C THR A 116 -11.84 30.95 -15.26
N ASP A 117 -12.04 29.71 -15.68
CA ASP A 117 -12.63 29.43 -16.98
C ASP A 117 -13.99 28.72 -16.87
N SER A 118 -14.50 28.26 -18.00
CA SER A 118 -15.80 27.62 -18.06
C SER A 118 -15.82 26.52 -19.12
N GLY A 119 -16.94 25.79 -19.20
CA GLY A 119 -17.13 24.75 -20.21
C GLY A 119 -17.65 23.46 -19.63
N ASN A 120 -17.06 22.34 -20.04
CA ASN A 120 -17.44 21.04 -19.51
C ASN A 120 -16.24 20.10 -19.47
N ILE A 121 -16.40 18.96 -18.80
CA ILE A 121 -15.33 17.96 -18.72
C ILE A 121 -15.80 16.60 -19.25
N ASP A 122 -16.63 16.66 -20.29
CA ASP A 122 -17.14 15.45 -20.96
C ASP A 122 -15.99 14.50 -21.35
N ALA A 123 -14.86 15.07 -21.75
CA ALA A 123 -13.73 14.30 -22.23
C ALA A 123 -13.01 13.51 -21.14
N ALA A 124 -13.34 13.81 -19.88
CA ALA A 124 -12.72 13.20 -18.71
C ALA A 124 -13.64 12.23 -17.94
N LYS A 125 -14.73 11.81 -18.59
CA LYS A 125 -15.76 10.96 -17.96
C LYS A 125 -15.32 9.56 -17.55
N ASP A 126 -14.28 9.06 -18.22
CA ASP A 126 -13.77 7.71 -17.99
C ASP A 126 -12.69 7.72 -16.90
N ILE A 127 -12.40 8.90 -16.36
CA ILE A 127 -11.42 9.05 -15.29
C ILE A 127 -12.14 9.17 -13.93
N ILE A 128 -11.64 8.44 -12.93
CA ILE A 128 -12.05 8.62 -11.53
C ILE A 128 -11.36 9.89 -11.03
N ARG A 129 -12.14 10.92 -10.73
CA ARG A 129 -11.59 12.24 -10.36
C ARG A 129 -11.80 12.59 -8.87
N TYR A 130 -10.70 12.86 -8.18
CA TYR A 130 -10.71 13.41 -6.82
C TYR A 130 -10.24 14.86 -6.85
N ILE A 131 -10.74 15.67 -5.94
CA ILE A 131 -10.34 17.08 -5.88
C ILE A 131 -10.13 17.50 -4.44
N ILE A 132 -8.96 18.07 -4.18
CA ILE A 132 -8.61 18.63 -2.89
C ILE A 132 -8.60 20.14 -3.03
N GLY A 133 -9.51 20.81 -2.32
CA GLY A 133 -9.51 22.28 -2.28
C GLY A 133 -8.86 22.73 -0.98
N ILE A 134 -7.94 23.69 -1.05
CA ILE A 134 -7.16 24.10 0.14
C ILE A 134 -7.21 25.59 0.44
N GLY A 135 -7.47 25.93 1.71
CA GLY A 135 -7.28 27.28 2.22
C GLY A 135 -8.50 28.15 2.39
N LYS A 136 -8.26 29.42 2.70
CA LYS A 136 -9.33 30.37 3.04
C LYS A 136 -10.28 30.67 1.87
N HIS A 137 -9.87 30.35 0.64
CA HIS A 137 -10.75 30.54 -0.52
C HIS A 137 -11.97 29.61 -0.48
N PHE A 138 -11.89 28.56 0.35
CA PHE A 138 -12.97 27.58 0.49
C PHE A 138 -13.62 27.55 1.86
N GLN A 139 -13.76 28.73 2.46
CA GLN A 139 -14.45 28.89 3.74
C GLN A 139 -15.94 28.61 3.66
N THR A 140 -16.57 29.05 2.56
CA THR A 140 -18.02 28.95 2.48
C THR A 140 -18.44 27.61 1.86
N LYS A 141 -19.62 27.14 2.23
CA LYS A 141 -20.23 25.96 1.63
C LYS A 141 -20.38 26.15 0.11
N GLU A 142 -20.81 27.34 -0.30
CA GLU A 142 -20.97 27.66 -1.72
C GLU A 142 -19.67 27.47 -2.52
N SER A 143 -18.55 27.94 -1.99
CA SER A 143 -17.24 27.77 -2.65
C SER A 143 -16.79 26.31 -2.73
N GLN A 144 -17.06 25.55 -1.69
CA GLN A 144 -16.78 24.12 -1.72
C GLN A 144 -17.63 23.42 -2.80
N GLU A 145 -18.91 23.77 -2.86
CA GLU A 145 -19.84 23.19 -3.82
C GLU A 145 -19.43 23.35 -5.28
N THR A 146 -18.75 24.45 -5.60
CA THR A 146 -18.28 24.72 -6.97
C THR A 146 -17.29 23.68 -7.46
N LEU A 147 -16.58 23.06 -6.52
CA LEU A 147 -15.62 22.00 -6.83
C LEU A 147 -16.26 20.67 -7.22
N HIS A 148 -17.56 20.53 -6.95
CA HIS A 148 -18.24 19.24 -7.09
C HIS A 148 -18.33 18.75 -8.53
N LYS A 149 -18.54 19.68 -9.46
CA LYS A 149 -18.66 19.41 -10.91
C LYS A 149 -17.38 18.88 -11.55
N PHE A 150 -16.28 18.92 -10.79
CA PHE A 150 -14.98 18.53 -11.30
C PHE A 150 -14.63 17.09 -10.90
N ALA A 151 -15.24 16.64 -9.81
CA ALA A 151 -14.91 15.35 -9.20
C ALA A 151 -15.98 14.30 -9.49
N SER A 152 -15.62 13.04 -9.26
CA SER A 152 -16.56 11.95 -9.40
C SER A 152 -17.59 12.05 -8.28
N LYS A 153 -18.73 11.37 -8.48
CA LYS A 153 -19.83 11.41 -7.51
C LYS A 153 -19.83 10.15 -6.63
N PRO A 154 -20.11 10.30 -5.32
CA PRO A 154 -20.56 11.49 -4.62
C PRO A 154 -19.41 12.38 -4.16
N ALA A 155 -19.70 13.66 -3.94
CA ALA A 155 -18.71 14.59 -3.40
C ALA A 155 -18.15 14.11 -2.07
N SER A 156 -19.00 13.50 -1.25
CA SER A 156 -18.58 13.01 0.07
C SER A 156 -17.39 12.06 -0.04
N GLU A 157 -17.30 11.36 -1.17
CA GLU A 157 -16.21 10.43 -1.39
C GLU A 157 -15.04 11.05 -2.15
N PHE A 158 -15.35 11.90 -3.12
CA PHE A 158 -14.34 12.40 -4.07
C PHE A 158 -13.90 13.84 -3.88
N VAL A 159 -14.49 14.54 -2.91
CA VAL A 159 -14.09 15.92 -2.63
C VAL A 159 -13.60 16.07 -1.20
N LYS A 160 -12.44 16.72 -1.04
CA LYS A 160 -11.86 17.00 0.27
C LYS A 160 -11.50 18.47 0.37
N ILE A 161 -11.88 19.12 1.46
CA ILE A 161 -11.50 20.53 1.67
C ILE A 161 -10.61 20.63 2.89
N LEU A 162 -9.49 21.33 2.74
CA LEU A 162 -8.51 21.49 3.81
C LEU A 162 -8.41 22.95 4.24
N ASP A 163 -8.42 23.18 5.55
CA ASP A 163 -8.32 24.54 6.10
C ASP A 163 -7.03 25.22 5.69
N THR A 164 -5.93 24.48 5.68
CA THR A 164 -4.61 25.05 5.40
C THR A 164 -3.70 24.04 4.70
N PHE A 165 -2.58 24.52 4.16
CA PHE A 165 -1.61 23.68 3.50
C PHE A 165 -0.85 22.71 4.41
N GLU A 166 -0.76 23.05 5.70
CA GLU A 166 -0.21 22.14 6.71
C GLU A 166 -1.06 20.90 6.83
N LYS A 167 -2.38 21.01 6.65
CA LYS A 167 -3.27 19.83 6.72
C LYS A 167 -3.02 18.76 5.64
N LEU A 168 -2.18 19.07 4.64
CA LEU A 168 -1.77 18.06 3.66
C LEU A 168 -0.95 16.95 4.32
N LYS A 169 -0.17 17.33 5.34
CA LYS A 169 0.56 16.38 6.19
C LYS A 169 -0.43 15.37 6.79
N ASP A 170 -1.52 15.90 7.36
CA ASP A 170 -2.56 15.13 8.00
C ASP A 170 -3.35 14.22 7.05
N LEU A 171 -3.68 14.76 5.88
CA LEU A 171 -4.30 13.98 4.81
C LEU A 171 -3.40 12.82 4.36
N PHE A 172 -2.10 13.06 4.26
CA PHE A 172 -1.18 11.96 3.91
C PHE A 172 -1.17 10.85 4.99
N THR A 173 -1.21 11.22 6.27
CA THR A 173 -1.32 10.28 7.40
C THR A 173 -2.59 9.42 7.30
N GLU A 174 -3.71 10.09 7.05
CA GLU A 174 -5.00 9.42 6.86
C GLU A 174 -4.97 8.48 5.65
N LEU A 175 -4.42 8.97 4.54
CA LEU A 175 -4.32 8.22 3.28
C LEU A 175 -3.68 6.85 3.49
N GLN A 176 -2.57 6.84 4.22
CA GLN A 176 -1.84 5.62 4.49
C GLN A 176 -2.63 4.56 5.27
N LYS A 177 -3.62 5.01 6.04
CA LYS A 177 -4.50 4.08 6.75
C LYS A 177 -5.52 3.39 5.83
N LYS A 178 -5.60 3.87 4.58
CA LYS A 178 -6.43 3.29 3.53
C LYS A 178 -5.66 2.37 2.56
N ILE A 179 -4.38 2.12 2.85
CA ILE A 179 -3.54 1.26 2.03
C ILE A 179 -3.64 -0.23 2.42
N TYR A 180 -4.04 -1.06 1.47
CA TYR A 180 -4.17 -2.50 1.74
C TYR A 180 -3.63 -3.36 0.60
N VAL A 181 -3.17 -4.54 0.98
CA VAL A 181 -2.97 -5.62 0.03
C VAL A 181 -4.34 -6.24 -0.21
N ILE A 182 -4.79 -6.21 -1.45
CA ILE A 182 -6.10 -6.74 -1.76
C ILE A 182 -5.97 -8.11 -2.40
N GLY B 1 -11.04 -2.03 7.32
CA GLY B 1 -10.66 -1.40 8.62
C GLY B 1 -9.28 -1.88 9.06
N ASN B 2 -9.18 -2.27 10.31
CA ASN B 2 -7.89 -2.68 10.86
C ASN B 2 -7.54 -4.12 10.54
N VAL B 3 -6.26 -4.36 10.30
CA VAL B 3 -5.75 -5.70 10.06
C VAL B 3 -4.63 -6.01 11.08
N ASP B 4 -4.86 -7.05 11.89
CA ASP B 4 -3.83 -7.59 12.78
C ASP B 4 -3.27 -8.82 12.07
N LEU B 5 -1.99 -8.76 11.74
CA LEU B 5 -1.36 -9.84 11.00
C LEU B 5 -0.23 -10.50 11.77
N VAL B 6 -0.25 -11.84 11.79
CA VAL B 6 0.84 -12.60 12.41
C VAL B 6 1.63 -13.35 11.35
N PHE B 7 2.95 -13.16 11.38
CA PHE B 7 3.86 -14.00 10.64
C PHE B 7 4.20 -15.20 11.51
N LEU B 8 3.90 -16.40 11.01
CA LEU B 8 4.27 -17.64 11.71
C LEU B 8 5.32 -18.33 10.88
N PHE B 9 6.57 -18.30 11.34
CA PHE B 9 7.69 -18.79 10.55
C PHE B 9 8.48 -19.97 11.13
N ASP B 10 8.68 -20.93 10.24
CA ASP B 10 9.40 -22.18 10.47
C ASP B 10 10.85 -21.91 10.85
N GLY B 11 11.29 -22.51 11.96
CA GLY B 11 12.68 -22.44 12.40
C GLY B 11 13.28 -23.84 12.58
N SER B 12 12.77 -24.81 11.80
CA SER B 12 13.27 -26.19 11.84
C SER B 12 14.74 -26.32 11.45
N MET B 13 15.31 -27.49 11.76
CA MET B 13 16.67 -27.91 11.44
C MET B 13 16.97 -28.00 9.95
N SER B 14 15.93 -28.10 9.13
CA SER B 14 16.14 -28.20 7.69
C SER B 14 16.61 -26.89 7.05
N LEU B 15 16.27 -25.77 7.66
CA LEU B 15 16.61 -24.47 7.09
C LEU B 15 18.08 -24.17 7.24
N GLN B 16 18.76 -23.96 6.11
CA GLN B 16 20.12 -23.44 6.12
C GLN B 16 20.08 -22.00 6.67
N PRO B 17 21.17 -21.55 7.32
CA PRO B 17 21.22 -20.18 7.83
C PRO B 17 20.76 -19.10 6.83
N ASP B 18 21.19 -19.18 5.58
CA ASP B 18 20.77 -18.15 4.59
C ASP B 18 19.27 -18.23 4.27
N GLU B 19 18.72 -19.44 4.35
CA GLU B 19 17.31 -19.65 4.06
C GLU B 19 16.44 -19.04 5.16
N PHE B 20 16.84 -19.27 6.41
CA PHE B 20 16.21 -18.67 7.60
C PHE B 20 16.26 -17.13 7.53
N GLN B 21 17.41 -16.57 7.15
CA GLN B 21 17.54 -15.12 7.01
C GLN B 21 16.66 -14.53 5.91
N LYS B 22 16.53 -15.23 4.80
CA LYS B 22 15.70 -14.78 3.69
C LYS B 22 14.24 -14.72 4.12
N ILE B 23 13.83 -15.60 5.03
CA ILE B 23 12.50 -15.52 5.63
C ILE B 23 12.38 -14.20 6.42
N LEU B 24 13.39 -13.90 7.24
CA LEU B 24 13.35 -12.69 8.07
C LEU B 24 13.32 -11.44 7.22
N ASP B 25 14.13 -11.40 6.16
CA ASP B 25 14.16 -10.29 5.19
C ASP B 25 12.78 -10.07 4.59
N PHE B 26 12.14 -11.17 4.17
CA PHE B 26 10.81 -11.11 3.57
C PHE B 26 9.79 -10.48 4.53
N MET B 27 9.80 -10.93 5.78
CA MET B 27 8.92 -10.37 6.81
C MET B 27 9.19 -8.89 7.03
N LYS B 28 10.46 -8.52 7.13
CA LYS B 28 10.80 -7.10 7.29
C LYS B 28 10.42 -6.26 6.08
N ASP B 29 10.64 -6.77 4.87
CA ASP B 29 10.24 -6.04 3.67
C ASP B 29 8.75 -5.75 3.64
N VAL B 30 7.94 -6.72 4.03
CA VAL B 30 6.50 -6.54 4.08
C VAL B 30 6.13 -5.48 5.12
N MET B 31 6.68 -5.60 6.32
CA MET B 31 6.34 -4.66 7.41
C MET B 31 6.72 -3.21 7.10
N LYS B 32 7.89 -3.05 6.47
CA LYS B 32 8.40 -1.75 6.05
C LYS B 32 7.49 -1.12 5.01
N LYS B 33 7.03 -1.92 4.04
CA LYS B 33 6.14 -1.40 2.99
C LYS B 33 4.79 -0.90 3.54
N LEU B 34 4.27 -1.62 4.54
CA LEU B 34 2.97 -1.30 5.16
C LEU B 34 3.11 -0.57 6.51
N SER B 35 4.24 0.09 6.71
CA SER B 35 4.43 0.95 7.88
C SER B 35 3.38 2.08 7.84
N ASN B 36 3.04 2.63 9.01
CA ASN B 36 2.02 3.71 9.14
C ASN B 36 0.65 3.46 8.49
N THR B 37 0.23 2.20 8.40
CA THR B 37 -1.06 1.87 7.81
C THR B 37 -2.01 1.38 8.89
N SER B 38 -3.12 0.74 8.50
CA SER B 38 -4.04 0.14 9.44
C SER B 38 -3.56 -1.25 9.88
N TYR B 39 -2.41 -1.67 9.35
CA TYR B 39 -1.78 -2.94 9.75
C TYR B 39 -1.00 -2.82 11.07
N GLN B 40 -1.15 -3.86 11.87
CA GLN B 40 -0.40 -4.09 13.10
C GLN B 40 0.20 -5.48 12.92
N PHE B 41 1.42 -5.70 13.42
CA PHE B 41 2.11 -6.99 13.23
C PHE B 41 2.56 -7.67 14.52
N ALA B 42 2.65 -8.99 14.46
CA ALA B 42 3.36 -9.80 15.45
C ALA B 42 4.08 -10.91 14.71
N ALA B 43 5.07 -11.53 15.34
CA ALA B 43 5.79 -12.62 14.70
C ALA B 43 6.12 -13.69 15.70
N VAL B 44 5.96 -14.93 15.24
CA VAL B 44 6.12 -16.12 16.05
C VAL B 44 7.00 -17.10 15.27
N GLN B 45 8.09 -17.53 15.89
CA GLN B 45 8.89 -18.62 15.35
C GLN B 45 8.33 -19.94 15.87
N PHE B 46 8.25 -20.92 14.99
CA PHE B 46 7.90 -22.28 15.42
C PHE B 46 8.87 -23.34 14.93
N SER B 47 9.17 -24.30 15.80
CA SER B 47 9.90 -25.46 15.41
C SER B 47 9.30 -26.64 16.16
N THR B 48 9.99 -27.09 17.21
CA THR B 48 9.38 -27.99 18.18
C THR B 48 8.48 -27.20 19.14
N SER B 49 9.01 -26.07 19.61
CA SER B 49 8.28 -25.14 20.47
C SER B 49 7.96 -23.83 19.72
N TYR B 50 7.32 -22.89 20.42
CA TYR B 50 6.79 -21.66 19.82
C TYR B 50 7.31 -20.47 20.63
N LYS B 51 7.80 -19.45 19.94
CA LYS B 51 8.25 -18.23 20.61
C LYS B 51 7.69 -17.01 19.89
N THR B 52 6.94 -16.20 20.65
CA THR B 52 6.47 -14.91 20.19
C THR B 52 7.70 -14.00 20.16
N GLU B 53 8.21 -13.75 18.96
CA GLU B 53 9.41 -12.90 18.82
C GLU B 53 9.11 -11.43 19.13
N PHE B 54 7.93 -10.98 18.70
CA PHE B 54 7.35 -9.71 19.13
C PHE B 54 5.84 -9.75 18.94
N ASP B 55 5.10 -9.09 19.83
CA ASP B 55 3.66 -9.08 19.79
C ASP B 55 3.14 -7.75 19.26
N PHE B 56 1.83 -7.62 19.12
CA PHE B 56 1.24 -6.40 18.57
C PHE B 56 1.65 -5.14 19.35
N SER B 57 1.66 -5.22 20.70
CA SER B 57 2.10 -4.10 21.57
C SER B 57 3.51 -3.61 21.23
N ASP B 58 4.42 -4.58 21.06
CA ASP B 58 5.81 -4.33 20.69
C ASP B 58 5.94 -3.61 19.36
N TYR B 59 5.18 -4.08 18.36
CA TYR B 59 5.15 -3.44 17.06
C TYR B 59 4.72 -1.98 17.19
N VAL B 60 3.65 -1.75 17.94
CA VAL B 60 3.10 -0.39 18.08
C VAL B 60 4.11 0.56 18.74
N LYS B 61 4.79 0.08 19.80
CA LYS B 61 5.79 0.92 20.48
C LYS B 61 6.99 1.26 19.59
N TRP B 62 7.44 0.28 18.81
CA TRP B 62 8.72 0.34 18.14
C TRP B 62 8.64 0.75 16.66
N LYS B 63 7.71 0.15 15.93
CA LYS B 63 7.53 0.43 14.50
C LYS B 63 8.86 0.31 13.74
N ASP B 64 9.68 -0.65 14.16
CA ASP B 64 11.00 -0.84 13.60
C ASP B 64 11.23 -2.34 13.39
N PRO B 65 10.89 -2.87 12.19
CA PRO B 65 11.04 -4.30 11.94
C PRO B 65 12.44 -4.83 12.28
N ASP B 66 13.50 -4.10 11.96
CA ASP B 66 14.84 -4.59 12.30
C ASP B 66 15.01 -4.80 13.79
N ALA B 67 14.71 -3.77 14.58
CA ALA B 67 14.90 -3.83 16.01
C ALA B 67 14.03 -4.95 16.59
N LEU B 68 12.84 -5.10 16.04
CA LEU B 68 11.86 -6.06 16.56
C LEU B 68 12.31 -7.53 16.39
N LEU B 69 13.09 -7.79 15.34
CA LEU B 69 13.53 -9.17 15.06
C LEU B 69 14.99 -9.41 15.38
N LYS B 70 15.57 -8.47 16.14
CA LYS B 70 17.00 -8.47 16.44
C LYS B 70 17.46 -9.61 17.34
N HIS B 71 16.54 -10.18 18.12
CA HIS B 71 16.87 -11.19 19.12
C HIS B 71 16.57 -12.62 18.67
N VAL B 72 16.06 -12.76 17.44
CA VAL B 72 15.69 -14.06 16.90
C VAL B 72 16.87 -15.03 16.92
N LYS B 73 16.63 -16.22 17.45
CA LYS B 73 17.60 -17.31 17.35
C LYS B 73 16.93 -18.51 16.70
N HIS B 74 17.57 -19.03 15.67
CA HIS B 74 17.08 -20.15 14.88
C HIS B 74 17.02 -21.41 15.73
N MET B 75 15.79 -21.88 15.98
CA MET B 75 15.52 -23.01 16.88
C MET B 75 16.19 -24.32 16.48
N LEU B 76 16.16 -24.63 15.18
CA LEU B 76 16.86 -25.79 14.62
C LEU B 76 16.31 -27.15 15.07
N LEU B 77 14.99 -27.24 15.26
CA LEU B 77 14.35 -28.50 15.69
C LEU B 77 13.27 -28.98 14.72
N LEU B 78 12.08 -29.33 15.20
CA LEU B 78 11.06 -29.96 14.34
C LEU B 78 10.12 -28.94 13.68
N THR B 79 8.96 -29.39 13.23
CA THR B 79 8.03 -28.56 12.47
C THR B 79 6.61 -28.85 12.97
N ASN B 80 6.31 -28.37 14.18
CA ASN B 80 5.01 -28.63 14.81
C ASN B 80 3.97 -27.58 14.38
N THR B 81 3.54 -27.68 13.14
CA THR B 81 2.67 -26.70 12.50
C THR B 81 1.25 -26.61 13.13
N PHE B 82 0.69 -27.75 13.54
CA PHE B 82 -0.64 -27.75 14.17
C PHE B 82 -0.57 -26.98 15.47
N GLY B 83 0.40 -27.34 16.31
CA GLY B 83 0.60 -26.70 17.61
C GLY B 83 0.89 -25.21 17.47
N ALA B 84 1.68 -24.86 16.45
CA ALA B 84 2.04 -23.48 16.15
C ALA B 84 0.82 -22.63 15.83
N ILE B 85 -0.03 -23.14 14.93
CA ILE B 85 -1.24 -22.40 14.54
C ILE B 85 -2.18 -22.21 15.73
N ASN B 86 -2.42 -23.27 16.47
CA ASN B 86 -3.17 -23.20 17.72
C ASN B 86 -2.58 -22.19 18.71
N TYR B 87 -1.25 -22.18 18.83
CA TYR B 87 -0.54 -21.24 19.71
C TYR B 87 -0.84 -19.79 19.28
N VAL B 88 -0.79 -19.53 17.98
CA VAL B 88 -1.11 -18.20 17.46
C VAL B 88 -2.55 -17.79 17.79
N ALA B 89 -3.49 -18.68 17.53
CA ALA B 89 -4.92 -18.39 17.72
C ALA B 89 -5.26 -18.12 19.18
N THR B 90 -4.63 -18.86 20.09
CA THR B 90 -4.99 -18.77 21.51
C THR B 90 -4.05 -17.89 22.31
N GLU B 91 -2.79 -17.79 21.90
CA GLU B 91 -1.78 -17.09 22.69
C GLU B 91 -1.28 -15.78 22.06
N VAL B 92 -1.60 -15.52 20.80
CA VAL B 92 -1.10 -14.30 20.16
C VAL B 92 -2.19 -13.29 19.78
N PHE B 93 -3.28 -13.78 19.21
CA PHE B 93 -4.43 -12.92 18.94
C PHE B 93 -5.21 -12.64 20.24
N ARG B 94 -4.62 -11.80 21.09
CA ARG B 94 -5.14 -11.53 22.42
C ARG B 94 -5.05 -10.04 22.67
N GLU B 95 -6.12 -9.46 23.21
CA GLU B 95 -6.11 -8.02 23.54
C GLU B 95 -5.06 -7.64 24.60
N GLU B 96 -4.72 -8.58 25.49
CA GLU B 96 -3.63 -8.40 26.48
C GLU B 96 -2.27 -8.28 25.80
N LEU B 97 -2.18 -8.74 24.56
CA LEU B 97 -0.94 -8.61 23.78
C LEU B 97 -0.98 -7.56 22.66
N GLY B 98 -2.00 -6.69 22.72
CA GLY B 98 -2.09 -5.56 21.80
C GLY B 98 -2.96 -5.78 20.58
N ALA B 99 -3.62 -6.92 20.51
CA ALA B 99 -4.55 -7.26 19.43
C ALA B 99 -5.80 -6.42 19.55
N ARG B 100 -6.35 -6.03 18.41
CA ARG B 100 -7.52 -5.20 18.33
C ARG B 100 -8.71 -6.10 18.03
N PRO B 101 -9.70 -6.13 18.95
CA PRO B 101 -10.92 -6.93 18.84
C PRO B 101 -11.67 -6.72 17.52
N ASP B 102 -11.69 -5.47 17.04
CA ASP B 102 -12.36 -5.11 15.79
C ASP B 102 -11.65 -5.58 14.50
N ALA B 103 -10.35 -5.87 14.59
CA ALA B 103 -9.53 -6.09 13.40
C ALA B 103 -9.82 -7.40 12.65
N THR B 104 -9.58 -7.40 11.34
CA THR B 104 -9.54 -8.64 10.56
C THR B 104 -8.22 -9.33 10.93
N LYS B 105 -8.29 -10.62 11.23
CA LYS B 105 -7.11 -11.38 11.64
C LYS B 105 -6.52 -12.09 10.44
N VAL B 106 -5.22 -11.93 10.23
CA VAL B 106 -4.54 -12.54 9.09
C VAL B 106 -3.33 -13.30 9.59
N LEU B 107 -3.16 -14.52 9.07
CA LEU B 107 -1.98 -15.32 9.39
C LEU B 107 -1.17 -15.64 8.14
N ILE B 108 0.13 -15.34 8.17
CA ILE B 108 1.05 -15.74 7.11
C ILE B 108 1.97 -16.83 7.64
N ILE B 109 1.77 -18.05 7.18
CA ILE B 109 2.58 -19.21 7.61
C ILE B 109 3.66 -19.50 6.58
N ILE B 110 4.90 -19.57 7.04
CA ILE B 110 6.04 -19.76 6.14
C ILE B 110 6.80 -20.98 6.61
N THR B 111 6.84 -22.01 5.76
CA THR B 111 7.37 -23.33 6.12
C THR B 111 8.18 -23.99 4.98
N ASP B 112 9.14 -24.84 5.34
CA ASP B 112 9.92 -25.58 4.34
C ASP B 112 9.75 -27.09 4.53
N GLY B 113 8.68 -27.47 5.22
CA GLY B 113 8.45 -28.89 5.52
C GLY B 113 7.04 -29.22 5.93
N GLU B 114 6.69 -30.51 5.85
CA GLU B 114 5.38 -31.00 6.33
C GLU B 114 5.37 -31.01 7.85
N ALA B 115 4.19 -30.88 8.44
CA ALA B 115 4.04 -30.89 9.90
C ALA B 115 4.56 -32.20 10.52
N THR B 116 5.25 -32.09 11.65
CA THR B 116 5.70 -33.26 12.42
C THR B 116 4.76 -33.54 13.60
N ASP B 117 3.70 -32.75 13.70
CA ASP B 117 2.67 -33.02 14.70
C ASP B 117 1.33 -33.23 14.01
N SER B 118 0.26 -33.38 14.79
CA SER B 118 -1.04 -33.66 14.23
C SER B 118 -2.13 -32.98 15.04
N GLY B 119 -3.36 -33.00 14.54
CA GLY B 119 -4.50 -32.48 15.29
C GLY B 119 -5.52 -31.77 14.42
N ASN B 120 -5.96 -30.61 14.89
CA ASN B 120 -6.89 -29.79 14.11
C ASN B 120 -6.60 -28.31 14.34
N ILE B 121 -7.04 -27.45 13.42
CA ILE B 121 -6.88 -25.99 13.60
C ILE B 121 -8.23 -25.27 13.76
N ASP B 122 -9.20 -25.98 14.36
CA ASP B 122 -10.56 -25.42 14.61
C ASP B 122 -10.51 -24.06 15.33
N ALA B 123 -9.55 -23.92 16.24
CA ALA B 123 -9.33 -22.69 17.03
C ALA B 123 -9.00 -21.45 16.18
N ALA B 124 -8.38 -21.69 15.01
CA ALA B 124 -7.97 -20.61 14.10
C ALA B 124 -8.95 -20.36 12.95
N LYS B 125 -10.16 -20.93 13.03
CA LYS B 125 -11.16 -20.80 11.96
C LYS B 125 -11.61 -19.35 11.71
N ASP B 126 -11.37 -18.47 12.69
CA ASP B 126 -11.74 -17.06 12.55
C ASP B 126 -10.63 -16.19 11.94
N ILE B 127 -9.53 -16.82 11.56
CA ILE B 127 -8.38 -16.12 10.99
C ILE B 127 -8.27 -16.44 9.50
N ILE B 128 -7.92 -15.43 8.70
CA ILE B 128 -7.63 -15.59 7.27
C ILE B 128 -6.20 -16.12 7.15
N ARG B 129 -6.05 -17.33 6.63
CA ARG B 129 -4.76 -18.04 6.71
C ARG B 129 -4.07 -18.28 5.35
N TYR B 130 -2.90 -17.66 5.18
CA TYR B 130 -2.05 -17.90 4.01
C TYR B 130 -0.93 -18.83 4.39
N ILE B 131 -0.55 -19.71 3.47
CA ILE B 131 0.64 -20.55 3.69
C ILE B 131 1.62 -20.50 2.50
N ILE B 132 2.89 -20.35 2.83
CA ILE B 132 3.96 -20.35 1.87
C ILE B 132 4.84 -21.56 2.18
N GLY B 133 4.79 -22.56 1.31
CA GLY B 133 5.67 -23.72 1.44
C GLY B 133 6.81 -23.58 0.45
N ILE B 134 8.04 -23.68 0.94
CA ILE B 134 9.23 -23.39 0.14
C ILE B 134 10.19 -24.57 -0.02
N GLY B 135 10.67 -24.73 -1.25
CA GLY B 135 11.80 -25.59 -1.57
C GLY B 135 11.45 -27.05 -1.84
N LYS B 136 12.49 -27.89 -1.82
CA LYS B 136 12.43 -29.27 -2.35
C LYS B 136 11.55 -30.24 -1.60
N HIS B 137 11.19 -29.91 -0.37
CA HIS B 137 10.26 -30.76 0.39
C HIS B 137 8.87 -30.79 -0.25
N PHE B 138 8.56 -29.78 -1.06
CA PHE B 138 7.23 -29.66 -1.64
C PHE B 138 7.18 -29.94 -3.15
N GLN B 139 8.06 -30.84 -3.61
CA GLN B 139 8.16 -31.18 -5.03
C GLN B 139 6.95 -31.94 -5.57
N THR B 140 6.41 -32.85 -4.76
CA THR B 140 5.27 -33.68 -5.21
C THR B 140 3.94 -32.96 -4.99
N LYS B 141 2.98 -33.29 -5.86
CA LYS B 141 1.60 -32.84 -5.68
C LYS B 141 1.06 -33.20 -4.30
N GLU B 142 1.38 -34.40 -3.81
CA GLU B 142 0.89 -34.90 -2.49
C GLU B 142 1.45 -34.06 -1.33
N SER B 143 2.74 -33.69 -1.40
CA SER B 143 3.35 -32.84 -0.36
C SER B 143 2.71 -31.44 -0.33
N GLN B 144 2.34 -30.95 -1.51
CA GLN B 144 1.69 -29.65 -1.63
C GLN B 144 0.26 -29.67 -1.07
N GLU B 145 -0.49 -30.73 -1.37
CA GLU B 145 -1.88 -30.86 -0.91
C GLU B 145 -2.00 -30.88 0.63
N THR B 146 -1.00 -31.39 1.32
CA THR B 146 -1.05 -31.45 2.79
C THR B 146 -1.09 -30.08 3.45
N LEU B 147 -0.58 -29.05 2.77
CA LEU B 147 -0.56 -27.69 3.32
C LEU B 147 -1.93 -27.02 3.29
N HIS B 148 -2.81 -27.53 2.41
CA HIS B 148 -4.14 -26.97 2.18
C HIS B 148 -4.98 -26.87 3.46
N LYS B 149 -4.82 -27.86 4.32
CA LYS B 149 -5.57 -27.94 5.58
C LYS B 149 -5.24 -26.81 6.56
N PHE B 150 -4.08 -26.19 6.39
CA PHE B 150 -3.70 -25.09 7.29
C PHE B 150 -4.20 -23.75 6.78
N ALA B 151 -4.45 -23.67 5.47
CA ALA B 151 -4.81 -22.43 4.81
C ALA B 151 -6.31 -22.23 4.63
N SER B 152 -6.72 -20.97 4.45
CA SER B 152 -8.07 -20.65 4.06
C SER B 152 -8.30 -21.16 2.63
N LYS B 153 -9.56 -21.13 2.20
CA LYS B 153 -9.95 -21.65 0.90
C LYS B 153 -10.41 -20.51 -0.02
N PRO B 154 -10.11 -20.61 -1.33
CA PRO B 154 -9.47 -21.74 -2.02
C PRO B 154 -7.94 -21.69 -1.96
N ALA B 155 -7.29 -22.85 -2.11
CA ALA B 155 -5.82 -22.92 -2.16
C ALA B 155 -5.20 -22.04 -3.23
N SER B 156 -5.92 -21.82 -4.33
CA SER B 156 -5.41 -21.03 -5.44
C SER B 156 -5.08 -19.62 -4.97
N GLU B 157 -5.79 -19.17 -3.93
CA GLU B 157 -5.60 -17.83 -3.36
C GLU B 157 -4.69 -17.87 -2.12
N PHE B 158 -4.82 -18.92 -1.33
CA PHE B 158 -4.19 -18.91 0.00
C PHE B 158 -2.95 -19.80 0.17
N VAL B 159 -2.71 -20.69 -0.79
CA VAL B 159 -1.51 -21.54 -0.77
C VAL B 159 -0.52 -21.13 -1.85
N LYS B 160 0.73 -20.91 -1.45
CA LYS B 160 1.78 -20.52 -2.38
C LYS B 160 2.95 -21.48 -2.28
N ILE B 161 3.24 -22.21 -3.35
CA ILE B 161 4.38 -23.10 -3.36
C ILE B 161 5.55 -22.46 -4.13
N LEU B 162 6.63 -22.18 -3.42
CA LEU B 162 7.81 -21.54 -3.99
C LEU B 162 8.94 -22.52 -4.11
N ASP B 163 9.59 -22.53 -5.27
CA ASP B 163 10.64 -23.50 -5.55
C ASP B 163 11.90 -23.30 -4.72
N THR B 164 12.25 -22.04 -4.43
CA THR B 164 13.49 -21.76 -3.69
C THR B 164 13.28 -20.59 -2.75
N PHE B 165 14.23 -20.37 -1.84
CA PHE B 165 14.15 -19.25 -0.93
C PHE B 165 14.38 -17.90 -1.62
N GLU B 166 15.16 -17.91 -2.70
CA GLU B 166 15.32 -16.69 -3.50
C GLU B 166 14.01 -16.18 -4.09
N LYS B 167 13.08 -17.09 -4.38
CA LYS B 167 11.73 -16.74 -4.89
C LYS B 167 10.90 -15.85 -3.95
N LEU B 168 11.33 -15.75 -2.69
CA LEU B 168 10.70 -14.82 -1.73
C LEU B 168 10.83 -13.38 -2.24
N LYS B 169 11.97 -13.09 -2.88
CA LYS B 169 12.16 -11.79 -3.55
C LYS B 169 11.06 -11.52 -4.59
N ASP B 170 10.84 -12.50 -5.46
CA ASP B 170 9.81 -12.40 -6.50
C ASP B 170 8.42 -12.28 -5.90
N LEU B 171 8.17 -13.02 -4.82
CA LEU B 171 6.88 -12.96 -4.14
C LEU B 171 6.61 -11.57 -3.55
N PHE B 172 7.63 -10.96 -2.96
CA PHE B 172 7.52 -9.57 -2.50
C PHE B 172 7.26 -8.58 -3.65
N THR B 173 7.91 -8.79 -4.79
CA THR B 173 7.68 -7.97 -5.99
C THR B 173 6.21 -8.05 -6.42
N GLU B 174 5.71 -9.28 -6.51
CA GLU B 174 4.31 -9.57 -6.88
C GLU B 174 3.33 -8.99 -5.85
N LEU B 175 3.69 -9.12 -4.59
CA LEU B 175 2.82 -8.67 -3.50
C LEU B 175 2.56 -7.16 -3.57
N GLN B 176 3.62 -6.41 -3.80
CA GLN B 176 3.57 -4.95 -3.87
C GLN B 176 2.70 -4.43 -5.02
N LYS B 177 2.50 -5.23 -6.06
CA LYS B 177 1.62 -4.88 -7.18
C LYS B 177 0.15 -5.02 -6.79
N LYS B 178 -0.10 -5.64 -5.64
CA LYS B 178 -1.46 -5.79 -5.11
C LYS B 178 -1.79 -4.76 -4.02
N ILE B 179 -0.92 -3.74 -3.88
CA ILE B 179 -1.11 -2.70 -2.87
C ILE B 179 -1.90 -1.50 -3.43
N TYR B 180 -3.07 -1.23 -2.85
CA TYR B 180 -3.91 -0.14 -3.31
C TYR B 180 -4.40 0.75 -2.18
N VAL B 181 -4.66 2.03 -2.50
CA VAL B 181 -5.42 2.93 -1.66
C VAL B 181 -6.90 2.58 -1.83
N ILE B 182 -7.54 2.27 -0.71
CA ILE B 182 -8.88 1.63 -0.58
C ILE B 182 -9.20 0.31 -1.33
#